data_8ROS
#
_entry.id   8ROS
#
_cell.length_a   83.150
_cell.length_b   83.150
_cell.length_c   59.170
_cell.angle_alpha   90.000
_cell.angle_beta   90.000
_cell.angle_gamma   120.000
#
_symmetry.space_group_name_H-M   'P 31 2 1'
#
loop_
_entity.id
_entity.type
_entity.pdbx_description
1 polymer "Pyridoxine-5'-phosphate oxidase"
2 non-polymer 'FLAVIN MONONUCLEOTIDE'
3 non-polymer '[6-methyl-5-oxidanylidene-4-[(4-oxidanylidene-2-sulfanylidene-1,3-thiazol-5-yl)methyl]-4~{H}-pyridin-3-yl]methyl dihydrogen phosphate'
4 non-polymer DI(HYDROXYETHYL)ETHER
5 non-polymer 'SODIUM ION'
6 water water
#
_entity_poly.entity_id   1
_entity_poly.type   'polypeptide(L)'
_entity_poly.pdbx_seq_one_letter_code
;GSHMTCWLRGVTATFGRPAEWPGYLSHLCGRSAAMDLGPMRKSYRGDREAFEETHLTSLDPVKQFAAWFEEAVQ(CME)P
DIGEANAMCLATCTRDGKPSARMLLLKGFGKDGFRFFTNFESRKGKELDSNPFASLVFYWEPLNRQVRVEGPVKKLPEEE
AECYFHSRPKSSQIGAVVSHQSSVIPDREYLRKKNEELEQLYQDQEVPKPKSWGGYVLYPQVMEFWQGQTNRLHDRIVFR
RGLPTGDSPLGPMTHRGEEDWLYERLAP
;
_entity_poly.pdbx_strand_id   AAA
#
loop_
_chem_comp.id
_chem_comp.type
_chem_comp.name
_chem_comp.formula
A1H16 non-polymer '[6-methyl-5-oxidanylidene-4-[(4-oxidanylidene-2-sulfanylidene-1,3-thiazol-5-yl)methyl]-4~{H}-pyridin-3-yl]methyl dihydrogen phosphate' 'C11 H11 N2 O6 P S2'
FMN non-polymer 'FLAVIN MONONUCLEOTIDE' 'C17 H21 N4 O9 P'
NA non-polymer 'SODIUM ION' 'Na 1'
PEG non-polymer DI(HYDROXYETHYL)ETHER 'C4 H10 O3'
#
# COMPACT_ATOMS: atom_id res chain seq x y z
N GLU A 49 -17.85 -7.09 19.63
CA GLU A 49 -16.56 -7.85 19.72
C GLU A 49 -16.51 -8.93 18.63
N ALA A 50 -17.63 -9.60 18.33
CA ALA A 50 -17.75 -10.55 17.20
C ALA A 50 -17.61 -9.77 15.89
N PHE A 51 -16.86 -10.30 14.91
CA PHE A 51 -16.91 -9.83 13.50
C PHE A 51 -17.63 -10.87 12.63
N GLU A 52 -18.82 -10.50 12.14
CA GLU A 52 -19.82 -11.43 11.59
C GLU A 52 -20.24 -10.98 10.20
N GLU A 53 -20.43 -11.94 9.32
CA GLU A 53 -20.90 -11.78 7.92
C GLU A 53 -22.19 -10.94 7.86
N THR A 54 -23.11 -11.11 8.80
CA THR A 54 -24.43 -10.40 8.81
C THR A 54 -24.27 -8.94 9.24
N HIS A 55 -23.13 -8.50 9.77
CA HIS A 55 -22.87 -7.08 10.14
C HIS A 55 -21.74 -6.48 9.27
N LEU A 56 -21.49 -7.00 8.07
CA LEU A 56 -20.56 -6.34 7.14
C LEU A 56 -21.21 -5.01 6.78
N THR A 57 -20.42 -3.96 6.64
CA THR A 57 -20.93 -2.66 6.18
C THR A 57 -21.30 -2.79 4.70
N SER A 58 -20.53 -3.55 3.94
CA SER A 58 -20.65 -3.67 2.48
C SER A 58 -20.15 -5.02 2.02
N LEU A 59 -20.70 -5.54 0.94
CA LEU A 59 -20.20 -6.75 0.26
C LEU A 59 -19.32 -6.34 -0.92
N ASP A 60 -19.01 -5.04 -1.02
CA ASP A 60 -17.92 -4.57 -1.90
C ASP A 60 -16.75 -4.35 -0.96
N PRO A 61 -15.70 -5.21 -1.03
CA PRO A 61 -14.64 -5.16 -0.02
C PRO A 61 -13.85 -3.84 0.00
N VAL A 62 -13.83 -3.12 -1.11
CA VAL A 62 -13.26 -1.74 -1.10
C VAL A 62 -14.07 -0.84 -0.14
N LYS A 63 -15.41 -0.89 -0.17
CA LYS A 63 -16.25 -0.11 0.77
C LYS A 63 -16.11 -0.61 2.21
N GLN A 64 -15.94 -1.92 2.41
CA GLN A 64 -15.68 -2.48 3.75
C GLN A 64 -14.30 -1.98 4.25
N PHE A 65 -13.34 -1.88 3.35
CA PHE A 65 -12.01 -1.29 3.71
C PHE A 65 -12.23 0.16 4.16
N ALA A 66 -13.03 0.89 3.38
CA ALA A 66 -13.28 2.32 3.68
C ALA A 66 -13.89 2.43 5.08
N ALA A 67 -14.80 1.54 5.46
CA ALA A 67 -15.45 1.60 6.78
C ALA A 67 -14.45 1.35 7.90
N TRP A 68 -13.64 0.32 7.75
CA TRP A 68 -12.60 0.05 8.76
C TRP A 68 -11.52 1.13 8.80
N PHE A 69 -11.11 1.64 7.65
CA PHE A 69 -10.07 2.69 7.55
C PHE A 69 -10.55 3.92 8.30
N GLU A 70 -11.82 4.32 8.08
CA GLU A 70 -12.38 5.46 8.78
C GLU A 70 -12.34 5.27 10.29
N GLU A 71 -12.65 4.07 10.79
CA GLU A 71 -12.57 3.80 12.24
C GLU A 71 -11.13 3.98 12.70
N ALA A 72 -10.15 3.51 11.94
CA ALA A 72 -8.73 3.62 12.33
C ALA A 72 -8.33 5.11 12.40
N VAL A 73 -8.74 5.90 11.41
CA VAL A 73 -8.41 7.34 11.30
C VAL A 73 -9.01 8.09 12.51
N GLN A 74 -10.16 7.64 12.96
CA GLN A 74 -10.92 8.28 14.08
C GLN A 74 -10.28 7.90 15.42
N CME A 75 -9.38 6.92 15.45
CA CME A 75 -8.80 6.38 16.70
CB CME A 75 -8.44 4.91 16.51
SG CME A 75 -7.67 4.22 18.00
SD CME A 75 -9.08 4.42 19.49
CE CME A 75 -10.42 3.20 19.50
CZ CME A 75 -9.98 1.87 20.06
OH CME A 75 -9.15 1.99 21.22
C CME A 75 -7.56 7.17 17.09
O CME A 75 -6.58 7.17 16.37
N PRO A 76 -7.59 7.91 18.23
CA PRO A 76 -6.44 8.71 18.60
C PRO A 76 -5.17 7.94 18.95
N ASP A 77 -5.26 6.63 19.18
CA ASP A 77 -4.08 5.79 19.52
C ASP A 77 -3.42 5.21 18.26
N ILE A 78 -3.95 5.53 17.09
CA ILE A 78 -3.33 5.15 15.80
C ILE A 78 -2.65 6.38 15.21
N GLY A 79 -1.38 6.28 14.89
CA GLY A 79 -0.60 7.37 14.29
C GLY A 79 -0.85 7.51 12.80
N GLU A 80 -0.27 6.62 11.99
CA GLU A 80 -0.46 6.62 10.52
C GLU A 80 -1.38 5.44 10.19
N ALA A 81 -2.71 5.65 10.12
CA ALA A 81 -3.66 4.57 9.79
C ALA A 81 -3.40 4.08 8.37
N ASN A 82 -2.75 4.85 7.50
CA ASN A 82 -2.47 4.44 6.11
C ASN A 82 -1.07 3.86 5.96
N ALA A 83 -0.36 3.59 7.05
CA ALA A 83 0.86 2.77 6.93
C ALA A 83 0.48 1.35 6.56
N MET A 84 1.28 0.72 5.72
CA MET A 84 1.00 -0.64 5.26
C MET A 84 2.34 -1.34 4.98
N CYS A 85 2.36 -2.65 5.04
CA CYS A 85 3.53 -3.42 4.62
C CYS A 85 3.28 -3.92 3.19
N LEU A 86 4.18 -3.60 2.29
CA LEU A 86 4.12 -4.05 0.88
C LEU A 86 5.05 -5.22 0.69
N ALA A 87 4.51 -6.35 0.29
CA ALA A 87 5.28 -7.57 -0.02
C ALA A 87 5.40 -7.75 -1.54
N THR A 88 6.62 -7.93 -2.02
CA THR A 88 6.95 -8.12 -3.45
C THR A 88 7.79 -9.39 -3.53
N CYS A 89 8.08 -9.85 -4.73
CA CYS A 89 9.06 -10.94 -4.88
C CYS A 89 9.59 -11.02 -6.31
N THR A 90 10.74 -11.66 -6.43
CA THR A 90 11.29 -11.96 -7.78
C THR A 90 10.39 -12.98 -8.47
N ARG A 91 10.52 -13.05 -9.80
CA ARG A 91 9.80 -14.11 -10.59
C ARG A 91 10.14 -15.51 -10.06
N ASP A 92 11.35 -15.69 -9.61
CA ASP A 92 11.92 -16.98 -9.13
C ASP A 92 11.60 -17.22 -7.63
N GLY A 93 10.77 -16.36 -7.02
CA GLY A 93 10.15 -16.68 -5.72
C GLY A 93 10.99 -16.24 -4.52
N LYS A 94 11.73 -15.15 -4.60
CA LYS A 94 12.52 -14.65 -3.45
C LYS A 94 11.78 -13.43 -2.90
N PRO A 95 11.15 -13.53 -1.71
CA PRO A 95 10.27 -12.43 -1.29
C PRO A 95 11.00 -11.32 -0.56
N SER A 96 10.38 -10.13 -0.56
CA SER A 96 10.89 -8.96 0.18
C SER A 96 9.70 -8.17 0.70
N ALA A 97 9.91 -7.29 1.68
CA ALA A 97 8.77 -6.56 2.30
C ALA A 97 9.31 -5.32 2.97
N ARG A 98 8.48 -4.30 3.02
CA ARG A 98 8.87 -3.01 3.64
C ARG A 98 7.63 -2.21 3.93
N MET A 99 7.75 -1.29 4.89
CA MET A 99 6.64 -0.35 5.13
C MET A 99 6.53 0.66 4.02
N LEU A 100 5.28 1.10 3.72
CA LEU A 100 4.97 2.15 2.74
C LEU A 100 3.75 2.91 3.25
N LEU A 101 3.45 4.05 2.65
CA LEU A 101 2.18 4.73 2.96
C LEU A 101 1.23 4.59 1.79
N LEU A 102 0.01 4.18 2.10
CA LEU A 102 -1.11 4.27 1.14
C LEU A 102 -1.36 5.73 0.79
N LYS A 103 -1.48 6.05 -0.52
CA LYS A 103 -1.68 7.45 -0.96
C LYS A 103 -3.02 7.68 -1.66
N GLY A 104 -3.84 6.68 -1.70
CA GLY A 104 -5.18 6.81 -2.26
C GLY A 104 -5.75 5.44 -2.49
N PHE A 105 -7.08 5.32 -2.55
CA PHE A 105 -7.74 4.02 -2.76
C PHE A 105 -9.13 4.30 -3.34
N GLY A 106 -9.61 3.31 -4.04
CA GLY A 106 -10.99 3.30 -4.59
C GLY A 106 -11.17 2.08 -5.44
N LYS A 107 -12.15 2.12 -6.37
CA LYS A 107 -12.51 0.91 -7.12
C LYS A 107 -11.33 0.35 -7.91
N ASP A 108 -10.40 1.17 -8.45
CA ASP A 108 -9.32 0.72 -9.36
C ASP A 108 -8.15 0.23 -8.51
N GLY A 109 -8.21 0.47 -7.21
CA GLY A 109 -7.20 -0.16 -6.32
C GLY A 109 -6.51 0.82 -5.41
N PHE A 110 -5.41 0.32 -4.88
CA PHE A 110 -4.62 0.90 -3.77
C PHE A 110 -3.35 1.51 -4.36
N ARG A 111 -3.15 2.81 -4.17
CA ARG A 111 -2.06 3.61 -4.81
C ARG A 111 -0.91 3.87 -3.81
N PHE A 112 0.29 3.86 -4.33
CA PHE A 112 1.50 4.22 -3.55
C PHE A 112 2.56 4.77 -4.49
N PHE A 113 3.54 5.48 -3.92
CA PHE A 113 4.56 6.18 -4.72
C PHE A 113 5.92 5.77 -4.20
N THR A 114 6.86 5.63 -5.12
CA THR A 114 8.20 5.12 -4.78
C THR A 114 9.12 5.35 -5.98
N ASN A 115 10.37 5.01 -5.82
CA ASN A 115 11.35 5.06 -6.91
C ASN A 115 11.27 3.73 -7.65
N PHE A 116 11.05 3.79 -8.95
CA PHE A 116 10.98 2.57 -9.79
C PHE A 116 12.32 1.82 -9.86
N GLU A 117 13.42 2.48 -9.58
CA GLU A 117 14.78 1.87 -9.61
C GLU A 117 15.14 1.27 -8.25
N SER A 118 14.27 1.40 -7.26
CA SER A 118 14.54 0.77 -5.93
C SER A 118 14.46 -0.75 -6.06
N ARG A 119 14.76 -1.44 -4.96
CA ARG A 119 14.65 -2.90 -4.93
C ARG A 119 13.21 -3.31 -5.20
N LYS A 120 12.24 -2.68 -4.52
CA LYS A 120 10.82 -3.03 -4.74
C LYS A 120 10.44 -2.73 -6.20
N GLY A 121 10.96 -1.64 -6.76
CA GLY A 121 10.50 -1.21 -8.09
C GLY A 121 11.01 -2.15 -9.19
N LYS A 122 12.23 -2.66 -9.05
CA LYS A 122 12.76 -3.69 -9.98
C LYS A 122 11.95 -4.97 -9.86
N GLU A 123 11.56 -5.38 -8.66
CA GLU A 123 10.71 -6.58 -8.48
C GLU A 123 9.34 -6.35 -9.12
N LEU A 124 8.70 -5.23 -8.85
CA LEU A 124 7.34 -4.94 -9.38
C LEU A 124 7.38 -4.89 -10.93
N ASP A 125 8.43 -4.35 -11.52
CA ASP A 125 8.53 -4.17 -13.00
C ASP A 125 8.74 -5.56 -13.64
N SER A 126 9.48 -6.45 -13.00
CA SER A 126 9.79 -7.81 -13.52
CA SER A 126 9.79 -7.81 -13.51
C SER A 126 8.67 -8.79 -13.17
N ASN A 127 7.92 -8.55 -12.08
CA ASN A 127 6.97 -9.48 -11.48
C ASN A 127 5.81 -8.71 -10.86
N PRO A 128 4.84 -8.27 -11.67
CA PRO A 128 3.86 -7.26 -11.27
C PRO A 128 2.69 -7.77 -10.44
N PHE A 129 3.03 -8.32 -9.29
CA PHE A 129 2.11 -8.90 -8.28
C PHE A 129 2.62 -8.50 -6.89
N ALA A 130 1.70 -8.17 -6.03
CA ALA A 130 2.10 -7.71 -4.68
C ALA A 130 1.02 -8.10 -3.68
N SER A 131 1.34 -7.92 -2.39
CA SER A 131 0.35 -8.07 -1.30
CA SER A 131 0.31 -8.04 -1.33
C SER A 131 0.58 -6.95 -0.27
N LEU A 132 -0.49 -6.50 0.37
CA LEU A 132 -0.44 -5.41 1.37
C LEU A 132 -0.94 -5.96 2.69
N VAL A 133 -0.39 -5.45 3.79
CA VAL A 133 -0.90 -5.72 5.16
C VAL A 133 -1.15 -4.37 5.84
N PHE A 134 -2.37 -4.15 6.33
CA PHE A 134 -2.72 -3.05 7.25
C PHE A 134 -2.93 -3.71 8.59
N TYR A 135 -2.30 -3.18 9.62
CA TYR A 135 -2.41 -3.69 11.00
C TYR A 135 -2.71 -2.53 11.94
N TRP A 136 -3.87 -2.56 12.57
CA TRP A 136 -4.34 -1.54 13.51
C TRP A 136 -4.44 -2.15 14.90
N GLU A 137 -3.31 -2.19 15.61
CA GLU A 137 -3.20 -2.90 16.91
C GLU A 137 -4.28 -2.44 17.90
N PRO A 138 -4.58 -1.14 18.07
CA PRO A 138 -5.58 -0.70 19.04
C PRO A 138 -7.00 -1.16 18.69
N LEU A 139 -7.26 -1.56 17.45
CA LEU A 139 -8.59 -2.05 17.01
C LEU A 139 -8.57 -3.58 16.88
N ASN A 140 -7.42 -4.21 17.09
CA ASN A 140 -7.24 -5.68 16.98
CA ASN A 140 -7.24 -5.68 16.97
C ASN A 140 -7.68 -6.12 15.58
N ARG A 141 -7.26 -5.40 14.54
CA ARG A 141 -7.73 -5.65 13.17
C ARG A 141 -6.55 -5.69 12.20
N GLN A 142 -6.66 -6.56 11.19
CA GLN A 142 -5.71 -6.65 10.07
C GLN A 142 -6.49 -6.68 8.77
N VAL A 143 -6.00 -6.02 7.73
CA VAL A 143 -6.55 -6.15 6.37
C VAL A 143 -5.44 -6.61 5.44
N ARG A 144 -5.67 -7.64 4.64
CA ARG A 144 -4.69 -8.11 3.63
C ARG A 144 -5.27 -7.86 2.26
N VAL A 145 -4.45 -7.42 1.32
CA VAL A 145 -4.91 -7.18 -0.08
C VAL A 145 -3.89 -7.83 -1.00
N GLU A 146 -4.34 -8.62 -1.97
CA GLU A 146 -3.49 -9.26 -2.97
C GLU A 146 -3.95 -8.85 -4.34
N GLY A 147 -3.04 -8.53 -5.22
CA GLY A 147 -3.48 -8.19 -6.60
C GLY A 147 -2.32 -7.85 -7.49
N PRO A 148 -2.58 -7.74 -8.82
CA PRO A 148 -1.58 -7.28 -9.77
C PRO A 148 -1.37 -5.76 -9.64
N VAL A 149 -0.20 -5.32 -10.11
CA VAL A 149 0.22 -3.92 -9.96
C VAL A 149 0.57 -3.39 -11.35
N LYS A 150 0.14 -2.16 -11.60
CA LYS A 150 0.67 -1.41 -12.75
C LYS A 150 1.06 -0.01 -12.35
N LYS A 151 1.85 0.60 -13.21
CA LYS A 151 2.31 1.98 -12.96
C LYS A 151 1.15 2.94 -13.20
N LEU A 152 1.08 4.01 -12.41
CA LEU A 152 0.20 5.17 -12.63
C LEU A 152 0.73 5.97 -13.80
N PRO A 153 -0.16 6.64 -14.54
CA PRO A 153 0.28 7.56 -15.59
C PRO A 153 1.27 8.62 -15.06
N GLU A 154 2.21 8.99 -15.90
CA GLU A 154 3.24 10.02 -15.60
C GLU A 154 2.57 11.31 -15.14
N GLU A 155 1.50 11.73 -15.78
CA GLU A 155 0.82 13.01 -15.42
C GLU A 155 0.32 12.95 -13.97
N GLU A 156 -0.17 11.80 -13.51
CA GLU A 156 -0.66 11.65 -12.12
C GLU A 156 0.56 11.69 -11.19
N ALA A 157 1.63 11.06 -11.59
CA ALA A 157 2.85 11.06 -10.74
C ALA A 157 3.42 12.49 -10.62
N GLU A 158 3.44 13.27 -11.70
CA GLU A 158 3.88 14.69 -11.63
C GLU A 158 3.03 15.48 -10.66
N CYS A 159 1.70 15.36 -10.77
N CYS A 159 1.71 15.35 -10.79
CA CYS A 159 0.76 16.10 -9.89
CA CYS A 159 0.76 16.06 -9.92
C CYS A 159 1.02 15.73 -8.42
C CYS A 159 1.04 15.73 -8.45
N TYR A 160 1.17 14.44 -8.13
CA TYR A 160 1.38 13.98 -6.77
C TYR A 160 2.74 14.54 -6.28
N PHE A 161 3.74 14.43 -7.13
CA PHE A 161 5.13 14.78 -6.72
C PHE A 161 5.17 16.27 -6.34
N HIS A 162 4.51 17.13 -7.13
CA HIS A 162 4.55 18.59 -6.88
C HIS A 162 3.61 19.01 -5.75
N SER A 163 2.79 18.11 -5.23
CA SER A 163 1.94 18.36 -4.04
C SER A 163 2.73 18.12 -2.74
N ARG A 164 3.89 17.44 -2.84
CA ARG A 164 4.72 17.11 -1.68
C ARG A 164 5.46 18.37 -1.21
N PRO A 165 5.92 18.42 0.03
CA PRO A 165 6.75 19.54 0.45
C PRO A 165 8.00 19.60 -0.43
N LYS A 166 8.50 20.82 -0.64
CA LYS A 166 9.63 20.99 -1.58
C LYS A 166 10.85 20.24 -1.05
N SER A 167 11.03 20.18 0.25
CA SER A 167 12.20 19.49 0.84
C SER A 167 12.11 17.98 0.53
N SER A 168 10.92 17.42 0.49
CA SER A 168 10.74 15.99 0.13
C SER A 168 10.99 15.78 -1.37
N GLN A 169 10.56 16.73 -2.21
CA GLN A 169 10.86 16.67 -3.66
C GLN A 169 12.40 16.61 -3.88
N ILE A 170 13.12 17.52 -3.26
CA ILE A 170 14.60 17.55 -3.42
C ILE A 170 15.18 16.24 -2.89
N GLY A 171 14.68 15.73 -1.77
CA GLY A 171 15.14 14.43 -1.23
C GLY A 171 15.04 13.30 -2.23
N ALA A 172 13.98 13.28 -3.05
CA ALA A 172 13.80 12.25 -4.08
C ALA A 172 14.80 12.41 -5.23
N VAL A 173 15.26 13.63 -5.47
CA VAL A 173 16.28 13.90 -6.54
C VAL A 173 17.66 13.50 -5.99
N VAL A 174 17.87 13.69 -4.69
CA VAL A 174 19.15 13.31 -3.98
C VAL A 174 19.31 11.80 -4.10
N SER A 175 18.25 11.04 -3.76
CA SER A 175 18.35 9.62 -3.40
C SER A 175 18.10 8.67 -4.54
N HIS A 176 19.11 7.88 -4.91
CA HIS A 176 18.95 6.76 -5.85
C HIS A 176 18.51 5.54 -5.02
N GLN A 177 17.21 5.48 -4.69
CA GLN A 177 16.71 4.66 -3.55
C GLN A 177 17.20 3.22 -3.68
N SER A 178 17.81 2.72 -2.59
CA SER A 178 18.29 1.32 -2.39
C SER A 178 19.67 1.10 -3.03
N SER A 179 20.25 2.08 -3.71
CA SER A 179 21.66 2.00 -4.19
CA SER A 179 21.66 1.95 -4.18
C SER A 179 22.60 2.16 -2.99
N VAL A 180 23.79 1.53 -3.03
CA VAL A 180 24.81 1.70 -1.98
C VAL A 180 25.40 3.11 -2.09
N ILE A 181 25.54 3.78 -0.96
CA ILE A 181 26.11 5.13 -0.83
C ILE A 181 27.16 5.09 0.27
N PRO A 182 28.11 6.04 0.24
CA PRO A 182 29.23 5.96 1.16
C PRO A 182 28.90 6.22 2.63
N ASP A 183 28.07 7.21 2.94
CA ASP A 183 27.82 7.70 4.30
C ASP A 183 26.62 8.64 4.27
N ARG A 184 26.15 9.03 5.44
CA ARG A 184 25.00 9.96 5.53
C ARG A 184 25.43 11.37 5.10
N GLU A 185 26.70 11.74 5.26
CA GLU A 185 27.19 13.08 4.82
C GLU A 185 26.96 13.24 3.31
N TYR A 186 27.10 12.17 2.55
CA TYR A 186 26.90 12.18 1.09
C TYR A 186 25.49 12.76 0.82
N LEU A 187 24.49 12.29 1.58
CA LEU A 187 23.08 12.76 1.40
C LEU A 187 22.96 14.23 1.79
N ARG A 188 23.49 14.61 2.94
CA ARG A 188 23.39 15.97 3.50
C ARG A 188 24.03 16.95 2.50
N LYS A 189 25.22 16.63 1.97
CA LYS A 189 25.95 17.53 1.03
C LYS A 189 25.15 17.68 -0.25
N LYS A 190 24.72 16.58 -0.84
CA LYS A 190 24.03 16.68 -2.15
C LYS A 190 22.69 17.39 -1.95
N ASN A 191 22.01 17.13 -0.83
CA ASN A 191 20.73 17.81 -0.50
C ASN A 191 20.96 19.33 -0.44
N GLU A 192 21.99 19.77 0.24
CA GLU A 192 22.24 21.22 0.43
C GLU A 192 22.54 21.84 -0.94
N GLU A 193 23.27 21.12 -1.80
CA GLU A 193 23.65 21.61 -3.14
C GLU A 193 22.38 21.75 -4.01
N LEU A 194 21.49 20.76 -3.95
CA LEU A 194 20.24 20.85 -4.74
C LEU A 194 19.31 21.92 -4.20
N GLU A 195 19.27 22.15 -2.90
CA GLU A 195 18.56 23.31 -2.33
C GLU A 195 19.03 24.61 -3.00
N GLN A 196 20.32 24.81 -3.17
CA GLN A 196 20.87 26.01 -3.85
C GLN A 196 20.38 26.03 -5.30
N LEU A 197 20.50 24.91 -6.01
CA LEU A 197 20.19 24.82 -7.45
C LEU A 197 18.71 25.16 -7.65
N TYR A 198 17.83 24.74 -6.77
CA TYR A 198 16.37 24.86 -6.99
C TYR A 198 15.79 26.03 -6.20
N GLN A 199 16.60 26.94 -5.62
CA GLN A 199 16.08 28.17 -4.99
C GLN A 199 15.11 28.89 -5.96
N ASP A 200 13.87 29.15 -5.53
CA ASP A 200 12.86 29.87 -6.35
C ASP A 200 12.61 29.18 -7.71
N GLN A 201 12.86 27.88 -7.87
CA GLN A 201 12.45 27.14 -9.08
C GLN A 201 11.68 25.87 -8.72
N GLU A 202 10.99 25.34 -9.71
CA GLU A 202 10.31 24.03 -9.62
C GLU A 202 11.35 22.92 -9.64
N VAL A 203 11.16 21.91 -8.79
CA VAL A 203 11.98 20.67 -8.77
C VAL A 203 11.40 19.69 -9.76
N PRO A 204 12.14 19.28 -10.77
CA PRO A 204 11.63 18.31 -11.72
C PRO A 204 11.50 16.94 -11.03
N LYS A 205 10.40 16.25 -11.27
CA LYS A 205 10.22 14.85 -10.83
C LYS A 205 11.27 14.00 -11.50
N PRO A 206 12.09 13.22 -10.77
CA PRO A 206 12.95 12.25 -11.41
C PRO A 206 12.19 11.33 -12.37
N LYS A 207 12.79 10.97 -13.52
CA LYS A 207 12.14 10.04 -14.47
C LYS A 207 11.83 8.72 -13.76
N SER A 208 12.69 8.27 -12.86
CA SER A 208 12.57 6.97 -12.16
C SER A 208 11.56 7.05 -10.99
N TRP A 209 10.97 8.21 -10.67
CA TRP A 209 10.08 8.33 -9.48
C TRP A 209 8.62 8.35 -9.89
N GLY A 210 7.77 7.56 -9.26
CA GLY A 210 6.36 7.62 -9.66
C GLY A 210 5.47 6.74 -8.82
N GLY A 211 4.30 6.39 -9.35
CA GLY A 211 3.33 5.63 -8.58
C GLY A 211 2.92 4.32 -9.19
N TYR A 212 2.36 3.47 -8.34
CA TYR A 212 1.75 2.16 -8.70
C TYR A 212 0.33 2.10 -8.16
N VAL A 213 -0.50 1.31 -8.81
CA VAL A 213 -1.84 0.95 -8.28
C VAL A 213 -1.98 -0.57 -8.29
N LEU A 214 -2.37 -1.10 -7.14
CA LEU A 214 -2.64 -2.54 -6.90
C LEU A 214 -4.14 -2.72 -7.02
N TYR A 215 -4.57 -3.49 -8.02
CA TYR A 215 -6.00 -3.80 -8.28
C TYR A 215 -6.35 -5.04 -7.49
N PRO A 216 -7.29 -4.94 -6.53
CA PRO A 216 -7.50 -6.02 -5.58
C PRO A 216 -8.15 -7.24 -6.24
N GLN A 217 -7.52 -8.39 -6.02
CA GLN A 217 -8.07 -9.73 -6.38
C GLN A 217 -8.54 -10.49 -5.14
N VAL A 218 -7.92 -10.26 -3.97
CA VAL A 218 -8.25 -10.91 -2.69
C VAL A 218 -8.19 -9.81 -1.62
N MET A 219 -9.17 -9.76 -0.75
CA MET A 219 -9.18 -8.85 0.41
C MET A 219 -9.68 -9.59 1.66
N GLU A 220 -8.78 -9.78 2.63
CA GLU A 220 -9.09 -10.46 3.89
C GLU A 220 -9.32 -9.39 4.97
N PHE A 221 -10.41 -9.50 5.72
CA PHE A 221 -10.71 -8.74 6.93
C PHE A 221 -10.57 -9.67 8.12
N TRP A 222 -9.62 -9.37 9.01
CA TRP A 222 -9.26 -10.15 10.18
C TRP A 222 -9.56 -9.34 11.43
N GLN A 223 -10.22 -9.97 12.41
CA GLN A 223 -10.53 -9.40 13.74
CA GLN A 223 -10.45 -9.37 13.75
C GLN A 223 -10.08 -10.39 14.81
N GLY A 224 -9.17 -10.01 15.67
CA GLY A 224 -8.56 -10.90 16.68
C GLY A 224 -9.56 -11.30 17.76
N GLN A 225 -9.38 -12.51 18.27
CA GLN A 225 -10.27 -12.99 19.37
C GLN A 225 -9.42 -13.72 20.40
N THR A 226 -10.05 -13.92 21.56
CA THR A 226 -9.54 -14.73 22.67
C THR A 226 -9.31 -16.16 22.18
N ASN A 227 -8.21 -16.74 22.65
CA ASN A 227 -7.99 -18.17 22.45
C ASN A 227 -7.39 -18.34 21.05
N ARG A 228 -7.13 -17.24 20.32
CA ARG A 228 -6.67 -17.25 18.91
C ARG A 228 -7.74 -17.84 17.98
N LEU A 229 -9.03 -17.75 18.33
CA LEU A 229 -10.12 -18.17 17.40
C LEU A 229 -10.62 -16.94 16.61
N HIS A 230 -9.69 -16.35 15.82
CA HIS A 230 -9.96 -15.07 15.15
C HIS A 230 -11.06 -15.16 14.08
N ASP A 231 -11.69 -14.02 13.79
CA ASP A 231 -12.69 -13.91 12.70
C ASP A 231 -11.98 -13.52 11.41
N ARG A 232 -12.15 -14.29 10.34
CA ARG A 232 -11.53 -14.03 9.04
C ARG A 232 -12.60 -14.09 7.96
N ILE A 233 -12.88 -12.96 7.34
CA ILE A 233 -13.82 -12.92 6.18
C ILE A 233 -13.05 -12.46 4.97
N VAL A 234 -12.97 -13.31 3.95
CA VAL A 234 -12.02 -13.13 2.81
C VAL A 234 -12.81 -13.08 1.52
N PHE A 235 -12.67 -11.97 0.81
CA PHE A 235 -13.30 -11.71 -0.48
C PHE A 235 -12.33 -12.09 -1.58
N ARG A 236 -12.81 -12.73 -2.65
CA ARG A 236 -12.00 -13.05 -3.84
C ARG A 236 -12.85 -12.86 -5.10
N ARG A 237 -12.22 -12.51 -6.21
CA ARG A 237 -12.94 -12.38 -7.51
C ARG A 237 -13.18 -13.75 -8.14
N GLY A 238 -14.44 -13.97 -8.53
CA GLY A 238 -14.89 -15.17 -9.28
C GLY A 238 -15.84 -14.76 -10.40
N LEU A 246 -21.43 -22.60 -7.11
CA LEU A 246 -21.03 -21.99 -5.80
C LEU A 246 -21.20 -23.02 -4.69
N GLY A 247 -20.11 -23.42 -4.05
CA GLY A 247 -20.11 -24.28 -2.86
C GLY A 247 -20.97 -23.71 -1.75
N PRO A 248 -21.36 -24.56 -0.76
CA PRO A 248 -22.28 -24.18 0.29
C PRO A 248 -21.68 -23.19 1.29
N MET A 249 -20.37 -22.99 1.23
CA MET A 249 -19.69 -22.05 2.18
C MET A 249 -19.20 -20.81 1.42
N THR A 250 -19.55 -20.67 0.14
CA THR A 250 -19.12 -19.51 -0.68
C THR A 250 -20.33 -18.60 -0.92
N HIS A 251 -20.15 -17.27 -0.78
CA HIS A 251 -21.26 -16.29 -0.80
C HIS A 251 -20.99 -15.22 -1.84
N ARG A 252 -22.08 -14.72 -2.44
CA ARG A 252 -21.96 -13.64 -3.44
C ARG A 252 -21.80 -12.28 -2.75
N GLY A 253 -20.79 -11.54 -3.20
CA GLY A 253 -20.71 -10.13 -2.85
C GLY A 253 -21.15 -9.26 -4.02
N GLU A 254 -20.70 -8.01 -4.06
CA GLU A 254 -21.04 -7.08 -5.15
C GLU A 254 -20.21 -7.43 -6.37
N GLU A 255 -20.70 -7.13 -7.57
CA GLU A 255 -19.98 -7.33 -8.86
C GLU A 255 -19.54 -8.79 -8.98
N ASP A 256 -18.25 -9.04 -9.21
CA ASP A 256 -17.66 -10.38 -9.41
C ASP A 256 -17.04 -10.89 -8.10
N TRP A 257 -17.30 -10.22 -6.98
CA TRP A 257 -16.75 -10.67 -5.66
C TRP A 257 -17.51 -11.86 -5.11
N LEU A 258 -16.75 -12.77 -4.48
CA LEU A 258 -17.29 -13.83 -3.61
C LEU A 258 -16.67 -13.66 -2.23
N TYR A 259 -17.26 -14.20 -1.20
CA TYR A 259 -16.59 -14.20 0.12
C TYR A 259 -16.83 -15.50 0.86
N GLU A 260 -15.87 -15.80 1.74
CA GLU A 260 -15.85 -17.07 2.53
C GLU A 260 -15.18 -16.75 3.86
N ARG A 261 -15.59 -17.43 4.92
CA ARG A 261 -14.85 -17.41 6.20
C ARG A 261 -13.72 -18.43 6.17
N LEU A 262 -12.55 -18.03 6.68
CA LEU A 262 -11.38 -18.92 6.84
C LEU A 262 -11.14 -19.19 8.33
N ALA A 263 -10.72 -20.41 8.59
CA ALA A 263 -10.32 -20.84 9.93
C ALA A 263 -9.10 -20.04 10.33
N PRO A 264 -9.05 -19.66 11.63
CA PRO A 264 -7.95 -18.81 12.12
C PRO A 264 -6.58 -19.45 12.37
N1 FMN B . 9.36 4.38 0.80
C2 FMN B . 8.80 4.72 -0.39
O2 FMN B . 9.47 4.67 -1.48
N3 FMN B . 7.51 5.21 -0.46
C4 FMN B . 6.72 5.37 0.66
O4 FMN B . 5.53 5.70 0.49
C4A FMN B . 7.26 4.99 1.89
N5 FMN B . 6.51 5.11 2.98
C5A FMN B . 7.03 4.69 4.17
C6 FMN B . 6.21 4.70 5.31
C7 FMN B . 6.67 4.24 6.51
C7M FMN B . 5.76 4.28 7.72
C8 FMN B . 8.00 3.81 6.63
C8M FMN B . 8.50 3.29 7.95
C9 FMN B . 8.80 3.74 5.52
C9A FMN B . 8.35 4.18 4.27
N10 FMN B . 9.10 4.13 3.10
C10 FMN B . 8.60 4.50 1.90
C1' FMN B . 10.48 3.57 3.14
C2' FMN B . 10.50 2.06 2.83
O2' FMN B . 10.13 1.25 3.98
C3' FMN B . 11.80 1.54 2.22
O3' FMN B . 12.93 1.88 3.05
C4' FMN B . 12.10 2.05 0.82
O4' FMN B . 10.90 2.20 0.04
C5' FMN B . 13.07 1.15 0.12
O5' FMN B . 12.56 -0.20 0.00
P FMN B . 13.21 -1.25 -1.06
O1P FMN B . 12.61 -2.53 -0.66
O2P FMN B . 12.88 -0.82 -2.46
O3P FMN B . 14.72 -1.15 -0.81
N1 A1H16 C . 9.32 8.27 -0.13
C4 A1H16 C . 7.66 8.17 2.12
C5 A1H16 C . 6.77 8.09 3.26
C6 A1H16 C . 7.17 8.58 0.87
C7 A1H16 C . 11.23 7.45 1.07
C8 A1H16 C . 6.93 8.00 4.59
C10 A1H16 C . 7.35 7.70 7.03
O6 A1H16 C . 4.60 8.43 5.04
C11 A1H16 C . 5.74 8.17 5.43
N2 A1H16 C . 6.06 8.03 6.75
S2 A1H16 C . 7.91 7.44 8.54
S1 A1H16 C . 8.32 7.56 5.59
C3 A1H16 C . 9.01 7.78 2.18
O5 A1H16 C . 9.55 7.37 3.31
C2 A1H16 C . 9.81 7.87 1.04
C1 A1H16 C . 8.01 8.65 -0.20
C9 A1H16 C . 5.70 8.91 0.69
O1 A1H16 C . 5.17 10.00 1.45
P1 A1H16 C . 5.30 11.54 1.07
O3 A1H16 C . 4.38 12.19 2.09
O4 A1H16 C . 4.90 11.69 -0.40
O2 A1H16 C . 6.74 11.96 1.37
C1 PEG D . 1.23 -2.23 9.61
O1 PEG D . 1.84 -3.39 9.02
C2 PEG D . 0.24 -1.63 8.68
O2 PEG D . -0.73 -0.82 9.34
C3 PEG D . -0.12 0.31 9.96
C4 PEG D . -1.12 1.43 10.00
O4 PEG D . -1.46 1.68 11.29
C1 PEG E . 16.86 -5.69 -7.33
O1 PEG E . 15.45 -5.62 -7.05
C2 PEG E . 17.75 -5.00 -6.33
O2 PEG E . 17.73 -3.58 -6.54
C3 PEG E . 18.93 -2.93 -6.11
C4 PEG E . 18.62 -1.53 -5.68
O4 PEG E . 18.29 -0.66 -6.77
NA NA F . -12.51 -7.92 -12.08
#